data_5RYA
#
_entry.id   5RYA
#
_cell.length_a   62.338
_cell.length_b   79.014
_cell.length_c   89.115
_cell.angle_alpha   90.000
_cell.angle_beta   90.000
_cell.angle_gamma   90.000
#
_symmetry.space_group_name_H-M   'P 21 21 21'
#
loop_
_entity.id
_entity.type
_entity.pdbx_description
1 polymer 'Phosphatidylinositol 3,4,5-trisphosphate 5-phosphatase 1'
2 non-polymer (4-methoxyphenyl)(piperidin-4-yl)methanone
3 non-polymer 'DIMETHYL SULFOXIDE'
4 water water
#
_entity_poly.entity_id   1
_entity_poly.type   'polypeptide(L)'
_entity_poly.pdbx_seq_one_letter_code
;SMEQPEPDMITIFIGTWNMGNAPPPKKITSWFLSKGQGKTRDDSADYIPHDIYVIGTQEDPLSEKEWLEILKHSLQEITS
VTFKTVAIHTLWNIRIVVLAKPEHENRISHICTDNVKTGIANTLGNKGAVGVSFMFNGTSLGFVNSHLTSGSEKKLRRNQ
NYMNILRFLALGDKKLSPFNITHRFTHLFWFGDLNYRVDLPTWEAETIIQKIKQQQYADLLSHDQLLTERREQKVFLHFE
EEEITFAPTYRFERLTRDKYAYTKQKATGMKYNLPSWCDRVLWKSYPLVHVVCQSYGSTSDIMTSDHSPVFATFEAGVTS
QFVSKNGPGTVDSQGQIEFLRCYATLKTKSQTKFYLEFHSSCLESFVKSQEGENEEGSEGELVVKFGETLPKLKPIISDP
EYLLDQHILISIKSSDSDESYGEGCIALRLEATETQLPIYTPLTHHGELTGHFQGEIKLQTSQ
;
_entity_poly.pdbx_strand_id   A
#
loop_
_chem_comp.id
_chem_comp.type
_chem_comp.name
_chem_comp.formula
DMS non-polymer 'DIMETHYL SULFOXIDE' 'C2 H6 O S'
WKP non-polymer (4-methoxyphenyl)(piperidin-4-yl)methanone 'C13 H17 N O2'
#
# COMPACT_ATOMS: atom_id res chain seq x y z
N GLN A 4 -31.07 -2.85 0.77
CA GLN A 4 -29.74 -3.13 0.10
C GLN A 4 -28.64 -3.40 1.14
N PRO A 5 -28.09 -4.63 1.23
CA PRO A 5 -27.16 -4.98 2.30
C PRO A 5 -25.83 -4.21 2.12
N GLU A 6 -25.18 -3.89 3.23
CA GLU A 6 -23.83 -3.30 3.14
C GLU A 6 -22.87 -4.43 2.85
N PRO A 7 -21.83 -4.18 2.01
CA PRO A 7 -20.94 -5.26 1.65
C PRO A 7 -20.00 -5.64 2.79
N ASP A 8 -19.58 -6.91 2.77
N ASP A 8 -19.54 -6.89 2.80
N ASP A 8 -19.58 -6.91 2.77
CA ASP A 8 -18.57 -7.47 3.71
CA ASP A 8 -18.46 -7.32 3.73
CA ASP A 8 -18.57 -7.47 3.71
C ASP A 8 -17.21 -7.46 3.03
C ASP A 8 -17.19 -7.61 2.93
C ASP A 8 -17.21 -7.46 3.03
N MET A 9 -17.21 -7.41 1.69
N MET A 9 -17.27 -7.53 1.60
N MET A 9 -17.21 -7.41 1.69
CA MET A 9 -15.98 -7.49 0.87
CA MET A 9 -16.11 -7.59 0.70
CA MET A 9 -15.98 -7.49 0.87
C MET A 9 -16.19 -6.70 -0.43
C MET A 9 -16.27 -6.54 -0.38
C MET A 9 -16.19 -6.70 -0.43
N ILE A 10 -15.16 -6.00 -0.88
CA ILE A 10 -15.17 -5.23 -2.14
C ILE A 10 -13.96 -5.68 -2.94
N THR A 11 -13.98 -5.36 -4.20
CA THR A 11 -12.76 -5.55 -5.01
C THR A 11 -12.25 -4.20 -5.44
N ILE A 12 -10.93 -4.16 -5.41
CA ILE A 12 -10.16 -2.93 -5.67
C ILE A 12 -9.21 -3.23 -6.81
N PHE A 13 -9.24 -2.38 -7.83
CA PHE A 13 -8.27 -2.38 -8.92
C PHE A 13 -7.20 -1.34 -8.60
N ILE A 14 -5.97 -1.76 -8.72
CA ILE A 14 -4.81 -0.86 -8.63
C ILE A 14 -4.11 -0.89 -9.97
N GLY A 15 -3.90 0.26 -10.58
CA GLY A 15 -3.08 0.35 -11.78
C GLY A 15 -1.93 1.28 -11.58
N THR A 16 -0.78 0.95 -12.12
CA THR A 16 0.35 1.85 -12.16
C THR A 16 0.89 1.85 -13.58
N TRP A 17 1.08 3.04 -14.09
CA TRP A 17 1.64 3.18 -15.46
C TRP A 17 2.49 4.40 -15.55
N ASN A 18 3.75 4.20 -15.90
CA ASN A 18 4.64 5.32 -16.27
C ASN A 18 4.42 5.50 -17.76
N MET A 19 3.80 6.61 -18.11
CA MET A 19 3.29 6.86 -19.48
C MET A 19 4.41 7.38 -20.36
N GLY A 20 5.59 7.65 -19.83
CA GLY A 20 6.71 8.10 -20.65
C GLY A 20 6.42 9.39 -21.39
N ASN A 21 5.62 10.27 -20.78
N ASN A 21 5.57 10.25 -20.80
N ASN A 21 5.62 10.27 -20.78
CA ASN A 21 5.31 11.62 -21.30
CA ASN A 21 5.29 11.63 -21.29
CA ASN A 21 5.31 11.62 -21.30
C ASN A 21 4.72 11.52 -22.71
C ASN A 21 4.51 11.60 -22.61
C ASN A 21 4.72 11.52 -22.71
N ALA A 22 3.96 10.45 -22.98
CA ALA A 22 3.27 10.28 -24.28
C ALA A 22 1.80 10.13 -23.98
N PRO A 23 0.91 10.61 -24.86
CA PRO A 23 -0.48 10.32 -24.70
C PRO A 23 -0.74 8.83 -24.86
N PRO A 24 -1.78 8.32 -24.21
CA PRO A 24 -2.09 6.91 -24.32
C PRO A 24 -2.68 6.58 -25.68
N PRO A 25 -2.75 5.29 -26.02
CA PRO A 25 -3.42 4.89 -27.25
C PRO A 25 -4.92 4.98 -27.07
N LYS A 26 -5.68 4.76 -28.13
CA LYS A 26 -7.15 5.00 -28.07
C LYS A 26 -7.84 3.97 -27.17
N LYS A 27 -7.27 2.78 -27.03
CA LYS A 27 -7.89 1.72 -26.22
C LYS A 27 -6.92 1.27 -25.13
N ILE A 28 -7.36 1.37 -23.88
CA ILE A 28 -6.52 0.89 -22.73
C ILE A 28 -7.35 -0.05 -21.87
N THR A 29 -8.47 -0.56 -22.37
CA THR A 29 -9.34 -1.47 -21.61
C THR A 29 -8.63 -2.71 -21.05
N SER A 30 -7.61 -3.23 -21.74
N SER A 30 -7.60 -3.23 -21.72
N SER A 30 -7.61 -3.23 -21.74
CA SER A 30 -6.86 -4.43 -21.29
CA SER A 30 -6.88 -4.44 -21.28
CA SER A 30 -6.86 -4.43 -21.29
C SER A 30 -6.30 -4.19 -19.89
C SER A 30 -6.31 -4.19 -19.88
C SER A 30 -6.30 -4.19 -19.89
N TRP A 31 -5.89 -2.96 -19.61
CA TRP A 31 -5.36 -2.61 -18.28
C TRP A 31 -6.40 -2.87 -17.20
N PHE A 32 -7.59 -2.34 -17.38
CA PHE A 32 -8.63 -2.40 -16.33
C PHE A 32 -9.26 -3.77 -16.29
N LEU A 33 -9.08 -4.57 -17.34
CA LEU A 33 -9.55 -5.96 -17.39
C LEU A 33 -8.49 -6.94 -16.84
N SER A 34 -7.29 -6.48 -16.45
CA SER A 34 -6.23 -7.37 -15.94
C SER A 34 -5.92 -8.43 -16.99
N LYS A 35 -5.73 -8.01 -18.24
N LYS A 35 -5.71 -8.02 -18.25
N LYS A 35 -5.73 -8.01 -18.24
CA LYS A 35 -5.38 -8.89 -19.38
CA LYS A 35 -5.38 -8.95 -19.35
CA LYS A 35 -5.38 -8.89 -19.38
C LYS A 35 -3.93 -8.62 -19.80
C LYS A 35 -3.97 -8.63 -19.88
C LYS A 35 -3.93 -8.62 -19.80
N GLY A 36 -3.20 -9.70 -20.11
CA GLY A 36 -1.86 -9.60 -20.66
C GLY A 36 -1.05 -10.72 -20.11
N GLN A 37 0.06 -10.37 -19.46
N GLN A 37 0.03 -10.37 -19.41
N GLN A 37 0.06 -10.37 -19.46
CA GLN A 37 1.00 -11.34 -18.85
CA GLN A 37 1.00 -11.34 -18.86
CA GLN A 37 1.00 -11.34 -18.85
C GLN A 37 0.78 -11.38 -17.34
C GLN A 37 0.91 -11.34 -17.34
C GLN A 37 0.78 -11.38 -17.34
N GLY A 38 1.21 -12.47 -16.71
CA GLY A 38 1.23 -12.58 -15.28
C GLY A 38 0.02 -13.31 -14.79
N LYS A 39 -0.45 -12.91 -13.61
N LYS A 39 -0.45 -12.91 -13.61
N LYS A 39 -0.45 -12.91 -13.61
CA LYS A 39 -1.67 -13.44 -12.98
CA LYS A 39 -1.66 -13.45 -12.96
CA LYS A 39 -1.67 -13.44 -12.98
C LYS A 39 -2.83 -12.58 -13.49
C LYS A 39 -2.84 -12.60 -13.47
C LYS A 39 -2.83 -12.58 -13.49
N THR A 40 -3.59 -13.13 -14.44
CA THR A 40 -4.60 -12.37 -15.18
C THR A 40 -6.00 -12.77 -14.70
N ARG A 41 -6.94 -11.91 -15.03
CA ARG A 41 -8.34 -12.07 -14.60
C ARG A 41 -9.08 -12.91 -15.65
N ASP A 42 -9.95 -13.77 -15.14
CA ASP A 42 -10.78 -14.65 -15.98
C ASP A 42 -11.69 -13.81 -16.89
N ASP A 43 -11.81 -14.25 -18.14
CA ASP A 43 -12.70 -13.61 -19.14
C ASP A 43 -14.13 -13.52 -18.62
N SER A 44 -14.56 -14.47 -17.83
CA SER A 44 -15.97 -14.49 -17.38
C SER A 44 -16.28 -13.32 -16.44
N ALA A 45 -15.26 -12.64 -15.94
CA ALA A 45 -15.40 -11.49 -15.02
C ALA A 45 -15.41 -10.15 -15.76
N ASP A 46 -15.23 -10.15 -17.08
CA ASP A 46 -14.93 -8.89 -17.78
C ASP A 46 -15.99 -7.83 -17.53
N TYR A 47 -17.28 -8.20 -17.41
CA TYR A 47 -18.31 -7.15 -17.28
C TYR A 47 -18.57 -6.80 -15.82
N ILE A 48 -17.92 -7.49 -14.89
CA ILE A 48 -18.16 -7.30 -13.44
C ILE A 48 -17.27 -6.14 -13.04
N PRO A 49 -17.83 -5.03 -12.59
CA PRO A 49 -16.98 -3.90 -12.23
C PRO A 49 -16.33 -4.18 -10.89
N HIS A 50 -15.11 -3.72 -10.75
CA HIS A 50 -14.51 -3.53 -9.43
C HIS A 50 -15.26 -2.43 -8.71
N ASP A 51 -15.22 -2.47 -7.39
CA ASP A 51 -15.89 -1.46 -6.55
C ASP A 51 -15.16 -0.14 -6.64
N ILE A 52 -13.83 -0.19 -6.63
CA ILE A 52 -12.97 1.01 -6.59
C ILE A 52 -11.86 0.74 -7.61
N TYR A 53 -11.56 1.73 -8.43
CA TYR A 53 -10.39 1.72 -9.33
C TYR A 53 -9.47 2.83 -8.91
N VAL A 54 -8.22 2.50 -8.63
CA VAL A 54 -7.19 3.47 -8.26
C VAL A 54 -6.13 3.42 -9.30
N ILE A 55 -5.90 4.55 -9.95
N ILE A 55 -5.98 4.54 -10.01
N ILE A 55 -5.90 4.55 -9.95
CA ILE A 55 -5.05 4.64 -11.17
CA ILE A 55 -5.03 4.64 -11.16
CA ILE A 55 -5.05 4.64 -11.17
C ILE A 55 -3.88 5.58 -10.91
C ILE A 55 -3.89 5.56 -10.76
C ILE A 55 -3.88 5.58 -10.91
N GLY A 56 -2.67 5.02 -10.77
CA GLY A 56 -1.45 5.81 -10.57
C GLY A 56 -0.75 5.93 -11.88
N THR A 57 -0.42 7.14 -12.26
CA THR A 57 0.46 7.39 -13.41
C THR A 57 1.70 8.15 -12.95
N GLN A 58 2.71 7.98 -13.75
CA GLN A 58 3.98 8.72 -13.64
C GLN A 58 4.31 9.18 -15.05
N GLU A 59 5.06 10.26 -15.16
CA GLU A 59 5.39 10.87 -16.48
C GLU A 59 4.08 11.07 -17.26
N ASP A 60 3.02 11.49 -16.58
CA ASP A 60 1.71 11.66 -17.20
C ASP A 60 1.64 13.02 -17.87
N PRO A 61 1.47 13.06 -19.20
CA PRO A 61 1.46 14.36 -19.91
C PRO A 61 0.09 15.01 -20.03
N LEU A 62 -0.94 14.37 -19.53
CA LEU A 62 -2.33 14.78 -19.74
C LEU A 62 -2.72 15.74 -18.63
N SER A 63 -3.73 16.53 -18.91
CA SER A 63 -4.41 17.28 -17.86
C SER A 63 -5.26 16.29 -17.04
N GLU A 64 -5.66 16.69 -15.86
CA GLU A 64 -6.56 15.88 -15.04
C GLU A 64 -7.83 15.65 -15.84
N LYS A 65 -8.34 16.67 -16.50
CA LYS A 65 -9.61 16.53 -17.22
C LYS A 65 -9.43 15.51 -18.34
N GLU A 66 -8.37 15.63 -19.10
CA GLU A 66 -8.10 14.73 -20.25
C GLU A 66 -8.02 13.28 -19.75
N TRP A 67 -7.29 13.05 -18.68
CA TRP A 67 -7.13 11.65 -18.22
C TRP A 67 -8.43 11.13 -17.63
N LEU A 68 -9.11 11.92 -16.81
CA LEU A 68 -10.41 11.50 -16.24
C LEU A 68 -11.39 11.07 -17.33
N GLU A 69 -11.45 11.87 -18.41
N GLU A 69 -11.45 11.83 -18.43
N GLU A 69 -11.45 11.87 -18.41
CA GLU A 69 -12.28 11.57 -19.61
CA GLU A 69 -12.37 11.48 -19.54
CA GLU A 69 -12.28 11.57 -19.61
C GLU A 69 -11.97 10.15 -20.09
C GLU A 69 -11.99 10.11 -20.10
C GLU A 69 -11.97 10.15 -20.09
N ILE A 70 -10.69 9.87 -20.29
CA ILE A 70 -10.23 8.60 -20.87
C ILE A 70 -10.56 7.46 -19.93
N LEU A 71 -10.31 7.67 -18.64
CA LEU A 71 -10.56 6.61 -17.66
C LEU A 71 -12.04 6.32 -17.59
N LYS A 72 -12.86 7.33 -17.41
CA LYS A 72 -14.30 7.10 -17.28
C LYS A 72 -14.88 6.41 -18.53
N HIS A 73 -14.46 6.86 -19.72
N HIS A 73 -14.47 6.85 -19.73
N HIS A 73 -14.46 6.86 -19.72
CA HIS A 73 -14.87 6.26 -21.02
CA HIS A 73 -14.95 6.26 -21.00
CA HIS A 73 -14.87 6.26 -21.02
C HIS A 73 -14.51 4.77 -21.02
C HIS A 73 -14.49 4.80 -21.09
C HIS A 73 -14.51 4.77 -21.02
N SER A 74 -13.26 4.45 -20.67
N SER A 74 -13.27 4.51 -20.63
N SER A 74 -13.26 4.45 -20.67
CA SER A 74 -12.74 3.07 -20.68
CA SER A 74 -12.73 3.13 -20.63
CA SER A 74 -12.74 3.07 -20.68
C SER A 74 -13.59 2.19 -19.75
C SER A 74 -13.62 2.23 -19.77
C SER A 74 -13.59 2.19 -19.75
N LEU A 75 -13.87 2.66 -18.54
CA LEU A 75 -14.65 1.85 -17.59
C LEU A 75 -16.08 1.74 -18.08
N GLN A 76 -16.63 2.80 -18.63
CA GLN A 76 -18.03 2.72 -19.12
C GLN A 76 -18.10 1.71 -20.26
N GLU A 77 -17.11 1.68 -21.14
CA GLU A 77 -17.09 0.74 -22.27
C GLU A 77 -17.03 -0.70 -21.73
N ILE A 78 -16.25 -0.95 -20.70
CA ILE A 78 -16.07 -2.32 -20.13
C ILE A 78 -17.34 -2.77 -19.43
N THR A 79 -17.88 -1.90 -18.58
CA THR A 79 -18.84 -2.27 -17.51
C THR A 79 -20.24 -1.74 -17.79
N SER A 80 -20.37 -0.76 -18.67
CA SER A 80 -21.64 -0.01 -18.85
C SER A 80 -22.00 0.78 -17.58
N VAL A 81 -21.04 1.03 -16.70
CA VAL A 81 -21.26 1.82 -15.46
C VAL A 81 -20.49 3.12 -15.60
N THR A 82 -21.15 4.19 -15.22
CA THR A 82 -20.56 5.54 -15.13
C THR A 82 -19.99 5.73 -13.73
N PHE A 83 -18.68 5.59 -13.62
CA PHE A 83 -18.00 5.66 -12.31
C PHE A 83 -17.95 7.11 -11.84
N LYS A 84 -17.94 7.26 -10.54
CA LYS A 84 -17.86 8.59 -9.91
C LYS A 84 -16.43 8.83 -9.48
N THR A 85 -16.00 10.06 -9.58
CA THR A 85 -14.67 10.45 -9.16
C THR A 85 -14.64 10.68 -7.66
N VAL A 86 -13.82 9.92 -6.93
CA VAL A 86 -13.64 10.07 -5.48
C VAL A 86 -12.60 11.14 -5.26
N ALA A 87 -11.49 11.07 -5.96
CA ALA A 87 -10.36 11.99 -5.73
C ALA A 87 -9.44 11.94 -6.93
N ILE A 88 -8.80 13.04 -7.18
CA ILE A 88 -7.70 13.12 -8.15
C ILE A 88 -6.65 14.06 -7.56
N HIS A 89 -5.40 13.67 -7.59
CA HIS A 89 -4.33 14.52 -7.07
C HIS A 89 -3.10 14.34 -7.91
N THR A 90 -2.48 15.43 -8.29
CA THR A 90 -1.31 15.43 -9.17
C THR A 90 -0.19 16.20 -8.51
N LEU A 91 1.02 15.67 -8.53
CA LEU A 91 2.26 16.39 -8.21
C LEU A 91 3.11 16.28 -9.45
N TRP A 92 3.43 17.39 -10.07
CA TRP A 92 4.23 17.43 -11.30
C TRP A 92 3.55 16.51 -12.30
N ASN A 93 4.16 15.39 -12.68
CA ASN A 93 3.59 14.45 -13.65
C ASN A 93 3.26 13.12 -12.98
N ILE A 94 3.10 13.12 -11.68
CA ILE A 94 2.72 11.95 -10.86
C ILE A 94 1.28 12.16 -10.44
N ARG A 95 0.38 11.22 -10.70
CA ARG A 95 -1.04 11.43 -10.53
C ARG A 95 -1.68 10.19 -9.93
N ILE A 96 -2.67 10.43 -9.14
CA ILE A 96 -3.56 9.37 -8.64
C ILE A 96 -5.01 9.75 -8.90
N VAL A 97 -5.77 8.81 -9.45
CA VAL A 97 -7.24 8.95 -9.64
C VAL A 97 -7.90 7.83 -8.90
N VAL A 98 -8.95 8.15 -8.16
CA VAL A 98 -9.79 7.12 -7.51
C VAL A 98 -11.19 7.28 -8.07
N LEU A 99 -11.69 6.20 -8.62
CA LEU A 99 -13.05 6.11 -9.16
C LEU A 99 -13.78 5.02 -8.40
N ALA A 100 -15.08 5.21 -8.18
CA ALA A 100 -15.87 4.19 -7.50
C ALA A 100 -17.23 4.04 -8.12
N LYS A 101 -17.83 2.86 -7.95
N LYS A 101 -17.84 2.88 -7.93
N LYS A 101 -17.83 2.86 -7.95
CA LYS A 101 -19.22 2.62 -8.39
CA LYS A 101 -19.21 2.63 -8.44
CA LYS A 101 -19.22 2.62 -8.39
C LYS A 101 -20.10 3.73 -7.82
C LYS A 101 -20.13 3.66 -7.81
C LYS A 101 -20.10 3.73 -7.82
N PRO A 102 -21.14 4.18 -8.56
CA PRO A 102 -22.05 5.19 -8.02
C PRO A 102 -22.78 4.75 -6.75
N GLU A 103 -23.04 3.46 -6.59
CA GLU A 103 -23.76 2.96 -5.39
C GLU A 103 -22.91 3.19 -4.15
N HIS A 104 -21.61 3.46 -4.29
CA HIS A 104 -20.73 3.66 -3.12
C HIS A 104 -20.64 5.13 -2.70
N GLU A 105 -21.38 6.00 -3.36
CA GLU A 105 -21.21 7.44 -3.12
C GLU A 105 -21.44 7.81 -1.64
N ASN A 106 -22.44 7.17 -1.03
N ASN A 106 -22.45 7.22 -0.99
N ASN A 106 -22.45 7.22 -0.99
CA ASN A 106 -22.83 7.41 0.39
CA ASN A 106 -22.73 7.52 0.44
CA ASN A 106 -22.74 7.52 0.45
C ASN A 106 -22.27 6.28 1.28
C ASN A 106 -21.99 6.57 1.37
C ASN A 106 -21.99 6.57 1.37
N ARG A 107 -21.18 5.65 0.85
CA ARG A 107 -20.36 4.74 1.69
C ARG A 107 -18.97 5.34 1.86
N ILE A 108 -18.62 6.31 1.04
CA ILE A 108 -17.25 6.86 0.98
C ILE A 108 -17.25 8.23 1.64
N SER A 109 -16.35 8.45 2.58
CA SER A 109 -16.27 9.75 3.26
C SER A 109 -14.85 10.04 3.68
N HIS A 110 -14.60 11.17 4.33
CA HIS A 110 -13.27 11.52 4.89
C HIS A 110 -12.20 11.37 3.82
N ILE A 111 -12.43 11.96 2.68
CA ILE A 111 -11.49 11.83 1.55
C ILE A 111 -10.37 12.79 1.80
N CYS A 112 -9.13 12.28 1.78
N CYS A 112 -9.15 12.30 1.65
N CYS A 112 -9.13 12.28 1.78
CA CYS A 112 -7.90 13.08 1.96
CA CYS A 112 -7.90 13.02 1.97
CA CYS A 112 -7.90 13.08 1.96
C CYS A 112 -6.99 12.87 0.75
C CYS A 112 -6.90 12.83 0.83
C CYS A 112 -6.99 12.87 0.75
N THR A 113 -6.23 13.90 0.39
CA THR A 113 -5.19 13.80 -0.63
C THR A 113 -3.96 14.47 -0.09
N ASP A 114 -2.81 14.05 -0.55
CA ASP A 114 -1.57 14.74 -0.17
C ASP A 114 -0.48 14.33 -1.17
N ASN A 115 0.63 14.99 -1.08
CA ASN A 115 1.82 14.64 -1.87
C ASN A 115 3.05 14.86 -1.01
N VAL A 116 4.11 14.22 -1.40
CA VAL A 116 5.44 14.41 -0.84
C VAL A 116 6.39 14.56 -2.01
N LYS A 117 7.22 15.60 -1.95
CA LYS A 117 8.32 15.84 -2.89
C LYS A 117 9.59 15.25 -2.29
N THR A 118 10.30 14.37 -3.00
CA THR A 118 11.50 13.72 -2.43
C THR A 118 12.76 14.53 -2.76
N GLY A 119 13.82 14.33 -1.96
CA GLY A 119 15.16 14.87 -2.29
C GLY A 119 15.28 16.36 -2.00
N ILE A 120 16.49 16.92 -2.19
CA ILE A 120 16.85 18.33 -1.84
C ILE A 120 17.58 18.95 -3.04
N ALA A 121 17.11 20.13 -3.52
CA ALA A 121 17.79 21.02 -4.49
C ALA A 121 17.91 20.36 -5.87
N ASN A 122 19.09 19.77 -6.21
CA ASN A 122 19.35 18.93 -7.41
C ASN A 122 18.25 17.89 -7.60
N THR A 123 17.93 17.16 -6.52
CA THR A 123 17.08 15.94 -6.48
C THR A 123 15.61 16.32 -6.25
N LEU A 124 15.31 17.54 -5.76
CA LEU A 124 13.92 18.08 -5.66
C LEU A 124 13.52 18.65 -7.02
N GLY A 125 12.48 18.10 -7.63
CA GLY A 125 11.89 18.72 -8.83
C GLY A 125 11.10 17.76 -9.68
N ASN A 126 11.29 16.44 -9.54
CA ASN A 126 10.27 15.66 -10.25
C ASN A 126 9.80 14.34 -9.64
N LYS A 127 10.47 13.85 -8.60
N LYS A 127 10.44 13.86 -8.58
N LYS A 127 10.47 13.85 -8.60
CA LYS A 127 10.14 12.56 -7.94
CA LYS A 127 10.15 12.54 -7.95
CA LYS A 127 10.14 12.56 -7.94
C LYS A 127 9.34 12.84 -6.67
C LYS A 127 9.48 12.75 -6.59
C LYS A 127 9.34 12.84 -6.67
N GLY A 128 8.56 11.85 -6.25
CA GLY A 128 7.79 11.96 -5.03
C GLY A 128 6.61 11.08 -5.09
N ALA A 129 5.57 11.43 -4.37
CA ALA A 129 4.41 10.56 -4.23
C ALA A 129 3.16 11.40 -4.16
N VAL A 130 2.05 10.84 -4.58
CA VAL A 130 0.71 11.38 -4.29
C VAL A 130 -0.04 10.30 -3.56
N GLY A 131 -1.05 10.68 -2.81
CA GLY A 131 -1.86 9.70 -2.10
C GLY A 131 -3.26 10.14 -1.87
N VAL A 132 -4.09 9.16 -1.66
CA VAL A 132 -5.51 9.38 -1.36
C VAL A 132 -5.84 8.45 -0.21
N SER A 133 -6.67 8.92 0.71
CA SER A 133 -7.32 8.06 1.70
C SER A 133 -8.80 8.40 1.83
N PHE A 134 -9.54 7.43 2.30
CA PHE A 134 -10.95 7.66 2.64
C PHE A 134 -11.41 6.52 3.52
N MET A 135 -12.60 6.70 4.04
CA MET A 135 -13.34 5.63 4.72
C MET A 135 -14.32 5.06 3.72
N PHE A 136 -14.45 3.76 3.71
CA PHE A 136 -15.49 3.03 3.00
C PHE A 136 -16.28 2.33 4.10
N ASN A 137 -17.45 2.84 4.44
CA ASN A 137 -18.18 2.38 5.66
C ASN A 137 -17.17 2.38 6.83
N GLY A 138 -17.00 1.27 7.51
CA GLY A 138 -16.18 1.23 8.72
C GLY A 138 -14.72 0.95 8.44
N THR A 139 -14.31 0.94 7.17
CA THR A 139 -12.96 0.50 6.77
C THR A 139 -12.20 1.67 6.19
N SER A 140 -10.99 1.87 6.69
CA SER A 140 -10.11 2.95 6.16
C SER A 140 -9.23 2.37 5.06
N LEU A 141 -9.12 3.12 3.98
CA LEU A 141 -8.34 2.72 2.79
C LEU A 141 -7.36 3.83 2.46
N GLY A 142 -6.12 3.47 2.24
CA GLY A 142 -5.09 4.41 1.78
C GLY A 142 -4.42 3.91 0.53
N PHE A 143 -3.98 4.85 -0.30
CA PHE A 143 -3.41 4.55 -1.60
C PHE A 143 -2.30 5.53 -1.86
N VAL A 144 -1.14 4.99 -2.21
CA VAL A 144 0.07 5.80 -2.48
C VAL A 144 0.59 5.43 -3.85
N ASN A 145 0.77 6.44 -4.68
CA ASN A 145 1.43 6.32 -5.99
C ASN A 145 2.74 7.06 -5.89
N SER A 146 3.87 6.37 -5.92
CA SER A 146 5.20 7.00 -5.82
C SER A 146 5.96 6.76 -7.10
N HIS A 147 6.70 7.77 -7.51
CA HIS A 147 7.71 7.69 -8.57
C HIS A 147 9.03 7.92 -7.89
N LEU A 148 9.78 6.87 -7.62
CA LEU A 148 11.01 6.97 -6.86
C LEU A 148 12.20 7.25 -7.80
N THR A 149 13.34 7.57 -7.19
CA THR A 149 14.55 7.93 -7.89
C THR A 149 14.91 6.84 -8.89
N SER A 150 15.36 7.22 -10.08
CA SER A 150 15.73 6.28 -11.16
C SER A 150 17.21 5.89 -11.04
N GLY A 151 17.57 4.88 -11.78
CA GLY A 151 18.97 4.52 -11.93
C GLY A 151 19.32 3.27 -11.17
N SER A 152 19.95 2.31 -11.82
CA SER A 152 20.31 1.05 -11.16
C SER A 152 21.16 1.25 -9.90
N GLU A 153 21.95 2.34 -9.89
N GLU A 153 22.03 2.27 -9.86
N GLU A 153 21.95 2.34 -9.89
CA GLU A 153 22.98 2.60 -8.84
CA GLU A 153 22.97 2.40 -8.71
CA GLU A 153 22.98 2.60 -8.84
C GLU A 153 22.34 3.17 -7.57
C GLU A 153 22.37 3.34 -7.65
C GLU A 153 22.34 3.17 -7.57
N LYS A 154 21.06 3.54 -7.64
CA LYS A 154 20.43 4.42 -6.62
C LYS A 154 19.39 3.68 -5.78
N LYS A 155 19.60 2.41 -5.48
CA LYS A 155 18.59 1.70 -4.66
C LYS A 155 18.51 2.34 -3.28
N LEU A 156 19.64 2.82 -2.72
CA LEU A 156 19.59 3.39 -1.36
C LEU A 156 18.78 4.67 -1.36
N ARG A 157 18.91 5.49 -2.41
N ARG A 157 18.89 5.46 -2.42
N ARG A 157 18.91 5.49 -2.41
CA ARG A 157 18.11 6.72 -2.59
CA ARG A 157 18.12 6.70 -2.54
CA ARG A 157 18.11 6.72 -2.59
C ARG A 157 16.63 6.35 -2.65
C ARG A 157 16.63 6.37 -2.65
C ARG A 157 16.63 6.35 -2.65
N ARG A 158 16.28 5.28 -3.36
CA ARG A 158 14.87 4.88 -3.44
C ARG A 158 14.39 4.53 -2.03
N ASN A 159 15.22 3.83 -1.28
CA ASN A 159 14.81 3.42 0.09
C ASN A 159 14.59 4.68 0.94
N GLN A 160 15.43 5.69 0.76
CA GLN A 160 15.30 6.96 1.48
C GLN A 160 14.00 7.61 1.02
N ASN A 161 13.72 7.59 -0.29
CA ASN A 161 12.50 8.22 -0.83
C ASN A 161 11.30 7.55 -0.14
N TYR A 162 11.29 6.22 -0.05
CA TYR A 162 10.23 5.47 0.64
C TYR A 162 10.03 6.00 2.06
N MET A 163 11.11 6.12 2.83
N MET A 163 11.13 6.14 2.81
N MET A 163 11.14 6.13 2.78
CA MET A 163 10.95 6.56 4.23
CA MET A 163 11.11 6.56 4.23
CA MET A 163 11.19 6.57 4.20
C MET A 163 10.42 8.00 4.27
C MET A 163 10.54 7.99 4.33
C MET A 163 10.57 7.97 4.33
N ASN A 164 10.93 8.89 3.43
CA ASN A 164 10.37 10.27 3.41
C ASN A 164 8.89 10.27 3.08
N ILE A 165 8.47 9.47 2.11
CA ILE A 165 7.04 9.45 1.73
C ILE A 165 6.21 8.93 2.92
N LEU A 166 6.69 7.82 3.48
N LEU A 166 6.60 7.84 3.56
N LEU A 166 6.69 7.82 3.48
CA LEU A 166 6.08 7.13 4.65
CA LEU A 166 5.73 7.28 4.63
CA LEU A 166 6.08 7.13 4.65
C LEU A 166 5.87 8.15 5.77
C LEU A 166 5.82 8.18 5.86
C LEU A 166 5.87 8.15 5.77
N ARG A 167 6.90 8.95 6.04
CA ARG A 167 6.90 9.89 7.18
C ARG A 167 5.96 11.05 6.91
N PHE A 168 6.00 11.61 5.71
CA PHE A 168 5.51 12.99 5.48
C PHE A 168 4.18 13.03 4.74
N LEU A 169 3.70 11.90 4.22
CA LEU A 169 2.43 11.94 3.52
C LEU A 169 1.36 11.97 4.57
N ALA A 170 0.55 13.01 4.54
CA ALA A 170 -0.45 13.27 5.60
C ALA A 170 -1.82 12.78 5.14
N LEU A 171 -2.10 11.50 5.33
CA LEU A 171 -3.40 10.93 4.95
C LEU A 171 -4.04 10.36 6.18
N GLY A 172 -5.32 10.06 6.08
CA GLY A 172 -6.04 9.39 7.14
C GLY A 172 -6.28 10.28 8.33
N ASP A 173 -6.52 9.67 9.48
CA ASP A 173 -7.09 10.35 10.66
C ASP A 173 -5.96 11.08 11.39
N LYS A 174 -5.97 12.40 11.35
CA LYS A 174 -4.92 13.25 12.00
C LYS A 174 -4.89 13.03 13.51
N LYS A 175 -5.94 12.50 14.12
CA LYS A 175 -5.91 12.18 15.57
C LYS A 175 -4.97 11.02 15.85
N LEU A 176 -4.61 10.24 14.81
CA LEU A 176 -3.65 9.13 14.99
C LEU A 176 -2.24 9.68 14.95
N SER A 177 -1.95 10.64 15.82
CA SER A 177 -0.74 11.48 15.63
C SER A 177 0.54 10.68 15.75
N PRO A 178 0.67 9.59 16.55
CA PRO A 178 1.94 8.88 16.59
C PRO A 178 2.21 8.00 15.36
N PHE A 179 1.19 7.86 14.53
CA PHE A 179 1.18 6.81 13.47
C PHE A 179 1.40 7.45 12.12
N ASN A 180 2.27 6.81 11.35
CA ASN A 180 2.48 7.17 9.94
C ASN A 180 1.45 6.40 9.09
N ILE A 181 1.51 6.59 7.78
CA ILE A 181 0.52 5.95 6.88
C ILE A 181 0.62 4.44 6.99
N THR A 182 1.74 3.87 7.39
CA THR A 182 1.83 2.39 7.43
C THR A 182 1.00 1.79 8.57
N HIS A 183 0.39 2.62 9.41
CA HIS A 183 -0.50 2.16 10.47
C HIS A 183 -1.87 2.79 10.44
N ARG A 184 -2.16 3.71 9.55
CA ARG A 184 -3.41 4.48 9.65
C ARG A 184 -4.58 3.79 8.98
N PHE A 185 -4.37 2.75 8.17
CA PHE A 185 -5.43 2.20 7.29
C PHE A 185 -5.62 0.72 7.52
N THR A 186 -6.86 0.29 7.42
CA THR A 186 -7.21 -1.14 7.39
C THR A 186 -6.44 -1.78 6.23
N HIS A 187 -6.45 -1.11 5.09
CA HIS A 187 -5.75 -1.57 3.89
C HIS A 187 -4.99 -0.40 3.31
N LEU A 188 -3.71 -0.60 3.05
CA LEU A 188 -2.86 0.41 2.41
C LEU A 188 -2.27 -0.21 1.17
N PHE A 189 -2.44 0.43 0.04
CA PHE A 189 -1.86 -0.02 -1.26
C PHE A 189 -0.83 1.01 -1.65
N TRP A 190 0.38 0.52 -1.93
CA TRP A 190 1.49 1.39 -2.34
C TRP A 190 2.01 0.87 -3.66
N PHE A 191 2.01 1.72 -4.64
CA PHE A 191 2.30 1.31 -6.01
C PHE A 191 3.03 2.45 -6.70
N GLY A 192 3.51 2.17 -7.90
CA GLY A 192 4.10 3.22 -8.70
C GLY A 192 5.26 2.71 -9.51
N ASP A 193 5.96 3.68 -10.12
CA ASP A 193 7.28 3.42 -10.71
C ASP A 193 8.29 3.53 -9.60
N LEU A 194 8.43 2.44 -8.87
CA LEU A 194 9.35 2.35 -7.75
C LEU A 194 10.79 2.33 -8.22
N ASN A 195 11.01 1.97 -9.49
CA ASN A 195 12.30 2.19 -10.14
C ASN A 195 13.40 1.30 -9.62
N TYR A 196 13.07 0.22 -8.89
CA TYR A 196 14.08 -0.79 -8.56
C TYR A 196 14.37 -1.64 -9.79
N ARG A 197 15.62 -2.03 -9.92
CA ARG A 197 16.14 -2.66 -11.13
C ARG A 197 16.60 -4.07 -10.86
N VAL A 198 16.81 -4.77 -11.97
CA VAL A 198 17.42 -6.10 -11.95
C VAL A 198 18.91 -5.84 -11.97
N ASP A 199 19.58 -6.13 -10.85
N ASP A 199 19.56 -6.19 -10.86
N ASP A 199 19.58 -6.13 -10.85
CA ASP A 199 21.00 -5.72 -10.64
CA ASP A 199 20.98 -5.83 -10.62
CA ASP A 199 21.00 -5.72 -10.64
C ASP A 199 21.93 -6.84 -11.12
C ASP A 199 21.83 -6.98 -11.14
C ASP A 199 21.93 -6.84 -11.12
N LEU A 200 22.12 -6.92 -12.43
CA LEU A 200 23.01 -7.89 -13.09
C LEU A 200 23.99 -7.04 -13.88
N PRO A 201 25.15 -7.62 -14.24
CA PRO A 201 26.12 -6.85 -15.00
C PRO A 201 25.53 -6.40 -16.34
N THR A 202 25.92 -5.21 -16.82
N THR A 202 25.94 -5.20 -16.74
N THR A 202 25.92 -5.21 -16.82
CA THR A 202 25.33 -4.57 -18.04
CA THR A 202 25.64 -4.58 -18.04
CA THR A 202 25.33 -4.57 -18.04
C THR A 202 25.66 -5.40 -19.28
C THR A 202 25.90 -5.60 -19.15
C THR A 202 25.66 -5.40 -19.28
N TRP A 203 26.76 -6.17 -19.25
N TRP A 203 27.04 -6.29 -19.11
N TRP A 203 26.76 -6.17 -19.25
CA TRP A 203 27.18 -7.05 -20.37
CA TRP A 203 27.45 -7.25 -20.16
CA TRP A 203 27.18 -7.05 -20.37
C TRP A 203 26.42 -8.39 -20.31
C TRP A 203 26.38 -8.34 -20.34
C TRP A 203 26.42 -8.39 -20.31
N GLU A 204 25.56 -8.59 -19.31
CA GLU A 204 24.55 -9.68 -19.32
C GLU A 204 23.23 -9.23 -20.00
N ALA A 205 23.13 -8.05 -20.61
CA ALA A 205 21.88 -7.52 -21.16
C ALA A 205 21.24 -8.55 -22.10
N GLU A 206 22.00 -9.08 -23.05
CA GLU A 206 21.37 -9.95 -24.05
C GLU A 206 20.97 -11.26 -23.39
N THR A 207 21.75 -11.73 -22.42
CA THR A 207 21.36 -12.94 -21.66
C THR A 207 20.05 -12.70 -20.95
N ILE A 208 19.90 -11.54 -20.35
CA ILE A 208 18.61 -11.20 -19.66
C ILE A 208 17.46 -11.22 -20.66
N ILE A 209 17.65 -10.62 -21.81
CA ILE A 209 16.62 -10.59 -22.86
C ILE A 209 16.21 -12.00 -23.25
N GLN A 210 17.18 -12.91 -23.40
N GLN A 210 17.21 -12.88 -23.42
N GLN A 210 17.18 -12.91 -23.40
CA GLN A 210 16.87 -14.29 -23.83
CA GLN A 210 16.97 -14.31 -23.74
CA GLN A 210 16.87 -14.29 -23.83
C GLN A 210 16.12 -15.02 -22.69
C GLN A 210 16.07 -14.93 -22.69
C GLN A 210 16.12 -15.02 -22.69
N LYS A 211 16.43 -14.73 -21.42
CA LYS A 211 15.66 -15.30 -20.29
C LYS A 211 14.19 -14.85 -20.39
N ILE A 212 14.00 -13.55 -20.64
CA ILE A 212 12.65 -12.98 -20.78
C ILE A 212 11.89 -13.67 -21.91
N LYS A 213 12.52 -13.84 -23.05
CA LYS A 213 11.87 -14.50 -24.20
C LYS A 213 11.47 -15.93 -23.87
N GLN A 214 12.20 -16.58 -22.98
CA GLN A 214 11.92 -17.96 -22.52
C GLN A 214 10.92 -17.98 -21.37
N GLN A 215 10.48 -16.79 -20.93
CA GLN A 215 9.61 -16.66 -19.75
C GLN A 215 10.25 -17.32 -18.53
N GLN A 216 11.56 -17.18 -18.37
CA GLN A 216 12.33 -17.75 -17.25
C GLN A 216 12.73 -16.55 -16.42
N TYR A 217 11.87 -16.20 -15.47
CA TYR A 217 12.08 -14.95 -14.68
C TYR A 217 12.86 -15.23 -13.41
N ALA A 218 13.08 -16.48 -12.99
CA ALA A 218 13.60 -16.79 -11.63
C ALA A 218 14.98 -16.19 -11.40
N ASP A 219 15.91 -16.33 -12.34
CA ASP A 219 17.29 -15.85 -12.17
C ASP A 219 17.30 -14.34 -12.33
N LEU A 220 16.23 -13.75 -12.87
CA LEU A 220 16.17 -12.27 -12.89
C LEU A 220 15.59 -11.77 -11.57
N LEU A 221 14.47 -12.34 -11.12
CA LEU A 221 13.82 -11.88 -9.86
C LEU A 221 14.78 -12.02 -8.68
N SER A 222 15.68 -13.00 -8.70
CA SER A 222 16.62 -13.18 -7.59
C SER A 222 17.58 -12.01 -7.52
N HIS A 223 17.60 -11.13 -8.53
CA HIS A 223 18.46 -9.93 -8.55
C HIS A 223 17.62 -8.65 -8.56
N ASP A 224 16.32 -8.78 -8.45
CA ASP A 224 15.46 -7.58 -8.39
C ASP A 224 15.73 -6.86 -7.08
N GLN A 225 16.07 -5.60 -7.21
CA GLN A 225 16.49 -4.84 -6.03
C GLN A 225 15.37 -4.69 -5.02
N LEU A 226 14.13 -4.58 -5.46
CA LEU A 226 13.03 -4.39 -4.50
C LEU A 226 12.89 -5.68 -3.66
N LEU A 227 12.88 -6.82 -4.30
CA LEU A 227 12.81 -8.09 -3.54
C LEU A 227 14.03 -8.21 -2.63
N THR A 228 15.23 -7.92 -3.11
CA THR A 228 16.42 -8.18 -2.27
C THR A 228 16.44 -7.18 -1.13
N GLU A 229 16.15 -5.91 -1.39
CA GLU A 229 16.09 -4.91 -0.32
C GLU A 229 15.01 -5.27 0.71
N ARG A 230 13.86 -5.74 0.25
CA ARG A 230 12.76 -6.16 1.17
C ARG A 230 13.23 -7.35 2.00
N ARG A 231 13.91 -8.32 1.40
CA ARG A 231 14.39 -9.51 2.13
C ARG A 231 15.33 -9.06 3.26
N GLU A 232 16.17 -8.04 3.00
CA GLU A 232 17.13 -7.55 4.01
C GLU A 232 16.51 -6.46 4.90
N GLN A 233 15.20 -6.24 4.79
CA GLN A 233 14.45 -5.33 5.69
C GLN A 233 15.00 -3.93 5.56
N LYS A 234 15.33 -3.56 4.32
CA LYS A 234 15.82 -2.18 4.05
C LYS A 234 14.68 -1.27 3.60
N VAL A 235 13.53 -1.82 3.23
CA VAL A 235 12.47 -1.01 2.61
C VAL A 235 11.20 -1.83 2.65
N PHE A 236 10.07 -1.16 2.71
CA PHE A 236 8.76 -1.81 2.61
C PHE A 236 8.59 -2.91 3.67
N LEU A 237 9.14 -2.69 4.84
CA LEU A 237 8.96 -3.67 5.92
C LEU A 237 7.47 -3.84 6.21
N HIS A 238 7.04 -5.09 6.30
CA HIS A 238 5.66 -5.49 6.65
C HIS A 238 4.69 -5.24 5.53
N PHE A 239 5.17 -4.98 4.31
CA PHE A 239 4.33 -4.99 3.12
C PHE A 239 4.41 -6.34 2.42
N GLU A 240 3.40 -6.62 1.61
CA GLU A 240 3.28 -7.85 0.78
C GLU A 240 3.34 -7.45 -0.70
N GLU A 241 3.82 -8.37 -1.54
CA GLU A 241 3.70 -8.24 -2.98
C GLU A 241 3.37 -9.61 -3.49
N GLU A 242 2.46 -9.68 -4.46
N GLU A 242 2.47 -9.67 -4.45
N GLU A 242 2.46 -9.68 -4.46
CA GLU A 242 2.12 -10.95 -5.16
CA GLU A 242 2.15 -10.95 -5.13
CA GLU A 242 2.12 -10.95 -5.16
C GLU A 242 3.34 -11.38 -5.98
C GLU A 242 3.40 -11.39 -5.90
C GLU A 242 3.34 -11.38 -5.98
N GLU A 243 3.53 -12.69 -6.15
CA GLU A 243 4.61 -13.21 -6.99
C GLU A 243 4.50 -12.60 -8.38
N ILE A 244 5.63 -12.20 -8.91
CA ILE A 244 5.74 -11.65 -10.26
C ILE A 244 5.90 -12.77 -11.29
N THR A 245 4.99 -12.81 -12.23
CA THR A 245 4.95 -13.87 -13.26
C THR A 245 4.80 -13.26 -14.64
N PHE A 246 5.10 -11.97 -14.77
CA PHE A 246 5.06 -11.20 -16.03
C PHE A 246 6.47 -10.73 -16.34
N ALA A 247 6.73 -10.41 -17.60
CA ALA A 247 8.06 -9.94 -17.99
C ALA A 247 8.32 -8.58 -17.38
N PRO A 248 9.60 -8.21 -17.25
CA PRO A 248 9.98 -6.85 -16.87
C PRO A 248 9.20 -5.84 -17.71
N THR A 249 8.74 -4.76 -17.05
CA THR A 249 7.83 -3.77 -17.66
C THR A 249 8.57 -2.55 -18.17
N TYR A 250 9.88 -2.60 -18.10
CA TYR A 250 10.76 -1.47 -18.50
C TYR A 250 12.09 -2.08 -18.93
N ARG A 251 12.81 -1.52 -19.92
CA ARG A 251 12.49 -0.36 -20.70
C ARG A 251 12.27 -0.83 -22.13
N PHE A 252 11.09 -0.61 -22.67
CA PHE A 252 10.71 -1.06 -24.03
C PHE A 252 10.98 0.06 -25.03
N GLU A 253 11.32 -0.34 -26.25
CA GLU A 253 11.09 0.53 -27.43
C GLU A 253 9.60 0.83 -27.53
N ARG A 254 9.24 2.06 -27.81
CA ARG A 254 7.82 2.43 -28.01
C ARG A 254 7.24 1.80 -29.28
N LEU A 255 5.94 1.54 -29.25
CA LEU A 255 5.06 1.13 -30.39
C LEU A 255 5.21 -0.36 -30.69
N THR A 256 6.06 -1.07 -29.97
CA THR A 256 6.08 -2.55 -29.98
C THR A 256 6.27 -3.00 -28.53
N ARG A 257 6.16 -4.29 -28.22
CA ARG A 257 6.76 -4.80 -26.96
C ARG A 257 7.82 -5.84 -27.31
N ASP A 258 8.31 -5.81 -28.55
CA ASP A 258 9.21 -6.89 -29.02
C ASP A 258 10.65 -6.61 -28.62
N LYS A 259 10.97 -5.39 -28.21
CA LYS A 259 12.37 -4.98 -27.99
C LYS A 259 12.49 -4.22 -26.69
N TYR A 260 13.45 -4.64 -25.92
CA TYR A 260 13.92 -3.87 -24.75
C TYR A 260 15.05 -2.96 -25.17
N ALA A 261 14.94 -1.70 -24.81
CA ALA A 261 15.90 -0.61 -25.13
C ALA A 261 16.73 -0.38 -23.88
N TYR A 262 17.84 -1.06 -23.75
CA TYR A 262 18.64 -1.03 -22.52
C TYR A 262 19.96 -0.27 -22.62
N THR A 263 20.44 -0.03 -23.85
N THR A 263 20.45 -0.04 -23.84
N THR A 263 20.44 -0.03 -23.85
CA THR A 263 21.80 0.52 -24.09
CA THR A 263 21.83 0.47 -24.00
CA THR A 263 21.80 0.52 -24.09
C THR A 263 21.88 1.96 -23.59
C THR A 263 21.88 1.95 -23.59
C THR A 263 21.88 1.96 -23.59
N LYS A 264 23.06 2.39 -23.15
CA LYS A 264 23.29 3.76 -22.66
C LYS A 264 23.23 4.72 -23.84
N GLN A 265 22.59 5.84 -23.61
CA GLN A 265 22.31 6.89 -24.62
C GLN A 265 22.49 8.26 -23.97
N LYS A 266 22.79 9.30 -24.75
CA LYS A 266 22.80 10.65 -24.15
C LYS A 266 21.50 10.89 -23.39
N ALA A 267 20.37 10.48 -23.96
CA ALA A 267 19.02 10.69 -23.40
C ALA A 267 18.87 9.99 -22.04
N THR A 268 19.65 8.95 -21.77
CA THR A 268 19.60 8.24 -20.46
C THR A 268 20.69 8.74 -19.51
N GLY A 269 21.38 9.84 -19.84
CA GLY A 269 22.56 10.21 -19.04
C GLY A 269 23.65 9.17 -19.12
N MET A 270 23.77 8.47 -20.23
CA MET A 270 24.78 7.41 -20.42
C MET A 270 24.62 6.33 -19.35
N LYS A 271 23.37 6.04 -19.00
N LYS A 271 23.37 6.03 -19.00
N LYS A 271 23.37 6.04 -19.00
CA LYS A 271 22.98 4.94 -18.08
CA LYS A 271 23.01 4.91 -18.10
CA LYS A 271 22.98 4.94 -18.08
C LYS A 271 22.39 3.78 -18.88
C LYS A 271 22.40 3.77 -18.90
C LYS A 271 22.39 3.78 -18.88
N TYR A 272 22.73 2.55 -18.49
CA TYR A 272 22.05 1.36 -19.00
C TYR A 272 20.73 1.23 -18.23
N ASN A 273 19.75 0.76 -18.96
CA ASN A 273 18.44 0.40 -18.37
C ASN A 273 18.21 -1.07 -18.65
N LEU A 274 18.87 -1.93 -17.93
CA LEU A 274 18.62 -3.36 -18.12
C LEU A 274 17.15 -3.61 -17.78
N PRO A 275 16.49 -4.56 -18.45
CA PRO A 275 15.10 -4.87 -18.20
C PRO A 275 14.86 -5.10 -16.72
N SER A 276 13.84 -4.41 -16.23
CA SER A 276 13.54 -4.35 -14.80
C SER A 276 12.04 -4.30 -14.53
N TRP A 277 11.71 -4.71 -13.33
CA TRP A 277 10.34 -4.61 -12.82
C TRP A 277 10.24 -3.30 -12.05
N CYS A 278 10.24 -2.20 -12.80
CA CYS A 278 10.16 -0.87 -12.13
C CYS A 278 8.78 -0.65 -11.49
N ASP A 279 7.75 -1.25 -12.02
CA ASP A 279 6.34 -0.85 -11.86
C ASP A 279 5.64 -1.87 -10.99
N ARG A 280 5.23 -1.50 -9.78
CA ARG A 280 4.94 -2.49 -8.74
C ARG A 280 3.70 -2.10 -7.97
N VAL A 281 3.11 -3.10 -7.35
CA VAL A 281 2.00 -2.89 -6.40
C VAL A 281 2.29 -3.71 -5.16
N LEU A 282 2.26 -3.05 -4.03
CA LEU A 282 2.43 -3.69 -2.73
C LEU A 282 1.30 -3.27 -1.82
N TRP A 283 1.09 -4.05 -0.77
CA TRP A 283 0.01 -3.67 0.16
C TRP A 283 0.38 -4.06 1.58
N LYS A 284 -0.33 -3.46 2.48
CA LYS A 284 -0.23 -3.81 3.90
C LYS A 284 -1.60 -3.65 4.49
N SER A 285 -2.13 -4.70 5.08
CA SER A 285 -3.44 -4.66 5.72
C SER A 285 -3.25 -5.00 7.19
N TYR A 286 -4.15 -4.51 8.02
CA TYR A 286 -4.12 -4.84 9.46
C TYR A 286 -4.25 -6.35 9.59
N PRO A 287 -3.69 -6.86 10.71
CA PRO A 287 -3.69 -8.28 10.96
C PRO A 287 -5.09 -8.88 10.92
N LEU A 288 -5.17 -10.03 10.28
CA LEU A 288 -6.38 -10.90 10.22
C LEU A 288 -7.51 -10.18 9.54
N VAL A 289 -7.21 -9.22 8.67
CA VAL A 289 -8.24 -8.72 7.76
C VAL A 289 -8.10 -9.44 6.42
N HIS A 290 -9.20 -9.80 5.81
CA HIS A 290 -9.21 -10.47 4.51
C HIS A 290 -8.62 -9.53 3.46
N VAL A 291 -7.59 -10.00 2.79
CA VAL A 291 -7.08 -9.31 1.57
C VAL A 291 -6.46 -10.39 0.73
N VAL A 292 -6.91 -10.47 -0.49
CA VAL A 292 -6.45 -11.52 -1.42
C VAL A 292 -6.19 -10.89 -2.77
N CYS A 293 -4.95 -11.02 -3.24
CA CYS A 293 -4.61 -10.56 -4.59
C CYS A 293 -5.21 -11.51 -5.62
N GLN A 294 -6.06 -10.97 -6.50
N GLN A 294 -6.03 -11.00 -6.52
N GLN A 294 -6.06 -10.97 -6.50
CA GLN A 294 -6.78 -11.73 -7.54
CA GLN A 294 -6.71 -11.83 -7.55
CA GLN A 294 -6.78 -11.73 -7.54
C GLN A 294 -6.02 -11.67 -8.87
C GLN A 294 -6.13 -11.58 -8.95
C GLN A 294 -6.02 -11.67 -8.87
N SER A 295 -5.21 -10.63 -9.10
CA SER A 295 -4.48 -10.47 -10.37
C SER A 295 -3.25 -9.63 -10.07
N TYR A 296 -2.22 -9.84 -10.85
CA TYR A 296 -1.00 -9.02 -10.79
C TYR A 296 -0.25 -9.29 -12.07
N GLY A 297 -0.26 -8.32 -12.96
CA GLY A 297 0.30 -8.54 -14.27
C GLY A 297 0.56 -7.29 -15.02
N SER A 298 0.92 -7.43 -16.29
CA SER A 298 1.21 -6.26 -17.14
C SER A 298 0.43 -6.40 -18.42
N THR A 299 0.07 -5.31 -19.05
CA THR A 299 -0.58 -5.41 -20.36
C THR A 299 0.49 -5.65 -21.41
N SER A 300 0.03 -6.21 -22.51
CA SER A 300 0.88 -6.50 -23.66
C SER A 300 0.55 -5.60 -24.87
N ASP A 301 -0.58 -4.91 -24.87
CA ASP A 301 -1.09 -4.25 -26.07
C ASP A 301 -1.10 -2.73 -25.93
N ILE A 302 -0.50 -2.16 -24.88
CA ILE A 302 -0.45 -0.69 -24.66
C ILE A 302 1.02 -0.31 -24.75
N MET A 303 1.38 0.41 -25.82
N MET A 303 1.39 0.38 -25.83
N MET A 303 1.38 0.41 -25.82
CA MET A 303 2.79 0.46 -26.31
CA MET A 303 2.82 0.45 -26.24
CA MET A 303 2.79 0.46 -26.31
C MET A 303 3.28 1.90 -26.49
C MET A 303 3.25 1.90 -26.54
C MET A 303 3.28 1.90 -26.49
N THR A 304 2.54 2.91 -26.01
CA THR A 304 2.91 4.32 -26.22
C THR A 304 4.09 4.70 -25.35
N SER A 305 4.28 4.00 -24.24
CA SER A 305 5.34 4.31 -23.29
C SER A 305 6.47 3.31 -23.36
N ASP A 306 7.58 3.66 -22.76
CA ASP A 306 8.71 2.73 -22.59
C ASP A 306 8.47 1.83 -21.37
N HIS A 307 7.36 2.04 -20.67
CA HIS A 307 6.87 1.09 -19.66
C HIS A 307 5.56 0.50 -20.13
N SER A 308 5.30 -0.74 -19.74
CA SER A 308 3.97 -1.33 -19.80
C SER A 308 3.21 -1.04 -18.50
N PRO A 309 1.91 -0.79 -18.62
CA PRO A 309 1.02 -0.73 -17.48
C PRO A 309 1.06 -2.00 -16.65
N VAL A 310 0.90 -1.85 -15.35
CA VAL A 310 0.77 -2.96 -14.42
C VAL A 310 -0.60 -2.84 -13.76
N PHE A 311 -1.25 -3.95 -13.57
CA PHE A 311 -2.51 -4.05 -12.84
C PHE A 311 -2.37 -5.02 -11.70
N ALA A 312 -3.12 -4.73 -10.65
CA ALA A 312 -3.32 -5.66 -9.54
C ALA A 312 -4.75 -5.51 -9.08
N THR A 313 -5.36 -6.60 -8.71
CA THR A 313 -6.70 -6.52 -8.11
C THR A 313 -6.72 -7.32 -6.85
N PHE A 314 -7.60 -6.86 -5.98
CA PHE A 314 -7.70 -7.39 -4.62
C PHE A 314 -9.16 -7.53 -4.22
N GLU A 315 -9.44 -8.59 -3.47
N GLU A 315 -9.45 -8.64 -3.53
N GLU A 315 -9.44 -8.59 -3.47
CA GLU A 315 -10.68 -8.73 -2.68
CA GLU A 315 -10.57 -8.75 -2.57
CA GLU A 315 -10.68 -8.73 -2.68
C GLU A 315 -10.33 -8.31 -1.24
C GLU A 315 -10.13 -8.10 -1.28
C GLU A 315 -10.33 -8.31 -1.24
N ALA A 316 -10.97 -7.27 -0.71
CA ALA A 316 -10.63 -6.64 0.57
C ALA A 316 -11.83 -6.68 1.49
N GLY A 317 -11.63 -7.21 2.67
CA GLY A 317 -12.66 -7.18 3.72
C GLY A 317 -12.98 -5.78 4.13
N VAL A 318 -14.28 -5.53 4.34
CA VAL A 318 -14.79 -4.23 4.78
C VAL A 318 -15.85 -4.51 5.83
N THR A 319 -16.05 -3.52 6.65
CA THR A 319 -17.04 -3.62 7.74
C THR A 319 -18.03 -2.48 7.59
N SER A 320 -19.18 -2.65 8.25
N SER A 320 -19.17 -2.62 8.27
N SER A 320 -19.18 -2.65 8.25
CA SER A 320 -20.31 -1.69 8.24
CA SER A 320 -20.31 -1.67 8.20
CA SER A 320 -20.31 -1.69 8.24
C SER A 320 -20.01 -0.51 9.17
C SER A 320 -20.16 -0.60 9.28
C SER A 320 -20.01 -0.51 9.17
N GLN A 321 -20.79 0.56 9.06
CA GLN A 321 -20.77 1.71 9.98
C GLN A 321 -21.73 1.37 11.14
N PHE A 322 -21.22 0.74 12.18
CA PHE A 322 -22.03 0.18 13.29
C PHE A 322 -22.69 1.25 14.16
N VAL A 323 -24.00 1.06 14.42
CA VAL A 323 -24.81 1.82 15.40
C VAL A 323 -25.44 0.80 16.37
N SER A 324 -25.25 1.00 17.68
CA SER A 324 -26.05 0.31 18.74
C SER A 324 -26.91 1.35 19.46
N LYS A 325 -27.68 0.90 20.46
CA LYS A 325 -28.48 1.74 21.38
C LYS A 325 -27.53 2.68 22.14
N ASN A 326 -26.31 2.17 22.41
CA ASN A 326 -25.23 2.83 23.20
C ASN A 326 -24.32 3.58 22.21
N GLY A 327 -23.16 3.00 21.86
CA GLY A 327 -22.22 3.67 20.93
C GLY A 327 -22.80 3.73 19.51
N PRO A 328 -22.43 4.73 18.67
CA PRO A 328 -21.60 5.88 19.07
C PRO A 328 -22.17 6.96 20.03
N GLY A 329 -21.29 7.53 20.87
CA GLY A 329 -21.60 8.67 21.76
C GLY A 329 -21.78 8.27 23.20
N THR A 330 -21.45 7.02 23.51
CA THR A 330 -21.36 6.50 24.89
C THR A 330 -20.55 5.20 24.80
N VAL A 331 -20.13 4.65 25.94
CA VAL A 331 -19.50 3.30 26.02
C VAL A 331 -20.62 2.25 26.02
N ASP A 332 -20.27 1.02 25.64
CA ASP A 332 -21.09 -0.19 25.86
C ASP A 332 -20.45 -0.92 27.05
N SER A 333 -20.97 -0.67 28.25
CA SER A 333 -20.38 -1.16 29.53
C SER A 333 -20.25 -2.68 29.48
N GLN A 334 -20.89 -3.36 28.52
CA GLN A 334 -20.81 -4.83 28.38
C GLN A 334 -19.48 -5.22 27.73
N GLY A 335 -18.69 -4.24 27.27
CA GLY A 335 -17.44 -4.43 26.52
C GLY A 335 -16.21 -3.99 27.30
N GLN A 336 -15.12 -4.76 27.23
CA GLN A 336 -13.82 -4.29 27.76
C GLN A 336 -12.66 -5.01 27.06
N ILE A 337 -11.53 -4.33 27.00
CA ILE A 337 -10.26 -4.92 26.54
C ILE A 337 -9.24 -4.73 27.67
N GLU A 338 -8.71 -5.84 28.13
CA GLU A 338 -7.64 -5.85 29.15
C GLU A 338 -6.38 -6.40 28.49
N PHE A 339 -5.32 -5.59 28.55
CA PHE A 339 -3.93 -5.96 28.18
C PHE A 339 -3.17 -6.36 29.45
N LEU A 340 -2.87 -7.67 29.60
CA LEU A 340 -2.22 -8.39 30.74
C LEU A 340 -0.74 -8.70 30.46
N ARG A 341 0.13 -8.48 31.45
CA ARG A 341 1.51 -9.05 31.45
C ARG A 341 2.20 -8.62 30.15
N CYS A 342 2.01 -7.37 29.82
CA CYS A 342 2.57 -6.87 28.53
C CYS A 342 3.97 -6.32 28.77
N TYR A 343 4.80 -6.45 27.74
CA TYR A 343 6.09 -5.76 27.76
C TYR A 343 6.48 -5.43 26.33
N ALA A 344 7.17 -4.32 26.25
CA ALA A 344 7.77 -3.84 24.99
C ALA A 344 9.24 -4.19 25.11
N THR A 345 9.82 -4.66 24.03
CA THR A 345 11.28 -4.87 23.90
C THR A 345 11.70 -3.84 22.89
N LEU A 346 12.59 -2.94 23.26
CA LEU A 346 12.97 -1.85 22.36
C LEU A 346 14.44 -1.94 22.02
N LYS A 347 14.78 -1.54 20.81
CA LYS A 347 16.18 -1.53 20.33
C LYS A 347 16.91 -0.25 20.79
N THR A 348 16.22 0.73 21.30
CA THR A 348 16.79 2.05 21.71
C THR A 348 17.87 1.88 22.79
N LYS A 349 18.86 2.77 22.73
CA LYS A 349 19.95 2.85 23.73
C LYS A 349 19.56 3.86 24.81
N SER A 350 18.45 4.58 24.64
CA SER A 350 18.02 5.66 25.55
C SER A 350 17.58 5.06 26.88
N GLN A 351 17.67 5.85 27.96
CA GLN A 351 17.11 5.54 29.30
C GLN A 351 16.22 6.73 29.71
N THR A 352 15.02 6.74 29.14
CA THR A 352 13.83 7.51 29.58
C THR A 352 12.83 6.48 30.10
N LYS A 353 11.83 6.94 30.83
CA LYS A 353 10.63 6.13 31.08
C LYS A 353 9.77 6.17 29.81
N PHE A 354 8.98 5.12 29.62
CA PHE A 354 8.03 5.02 28.49
C PHE A 354 6.62 4.79 29.01
N TYR A 355 5.63 5.28 28.25
CA TYR A 355 4.21 5.01 28.43
C TYR A 355 3.64 4.57 27.10
N LEU A 356 2.45 3.98 27.14
CA LEU A 356 1.78 3.58 25.89
C LEU A 356 0.63 4.52 25.59
N GLU A 357 0.29 4.64 24.32
CA GLU A 357 -1.04 5.11 23.89
C GLU A 357 -1.73 4.03 23.09
N PHE A 358 -2.99 3.79 23.40
CA PHE A 358 -3.88 2.86 22.67
C PHE A 358 -4.82 3.71 21.84
N HIS A 359 -4.79 3.54 20.53
CA HIS A 359 -5.69 4.29 19.63
C HIS A 359 -6.56 3.33 18.82
N SER A 360 -7.84 3.60 18.76
CA SER A 360 -8.74 2.74 17.96
C SER A 360 -10.04 3.48 17.78
N SER A 361 -10.64 3.32 16.60
N SER A 361 -10.63 3.34 16.61
N SER A 361 -10.64 3.32 16.60
CA SER A 361 -12.00 3.80 16.28
CA SER A 361 -11.99 3.88 16.34
CA SER A 361 -12.00 3.80 16.28
C SER A 361 -13.02 3.18 17.23
C SER A 361 -13.06 3.12 17.15
C SER A 361 -13.02 3.18 17.23
N CYS A 362 -12.70 2.06 17.88
CA CYS A 362 -13.64 1.43 18.85
C CYS A 362 -13.61 2.16 20.21
N LEU A 363 -12.71 3.12 20.41
CA LEU A 363 -12.64 3.96 21.65
C LEU A 363 -13.13 5.35 21.35
N GLU A 364 -13.67 6.02 22.36
CA GLU A 364 -14.16 7.42 22.19
C GLU A 364 -12.95 8.30 21.91
N SER A 365 -11.84 8.00 22.56
CA SER A 365 -10.56 8.66 22.26
C SER A 365 -9.43 7.80 22.80
N PHE A 366 -8.22 8.16 22.41
CA PHE A 366 -7.04 7.35 22.73
C PHE A 366 -6.83 7.32 24.24
N VAL A 367 -6.16 6.27 24.67
CA VAL A 367 -5.92 6.00 26.11
C VAL A 367 -4.42 5.97 26.35
N LYS A 368 -3.98 6.70 27.38
N LYS A 368 -3.98 6.79 27.30
N LYS A 368 -3.98 6.70 27.38
CA LYS A 368 -2.56 6.85 27.75
CA LYS A 368 -2.59 6.83 27.81
CA LYS A 368 -2.56 6.85 27.75
C LYS A 368 -2.31 6.08 29.05
C LYS A 368 -2.46 5.90 29.01
C LYS A 368 -2.31 6.08 29.05
N SER A 369 -1.42 5.08 29.01
CA SER A 369 -1.08 4.21 30.16
C SER A 369 -0.20 5.03 31.11
N GLN A 370 -0.03 4.46 32.31
CA GLN A 370 1.05 4.77 33.25
C GLN A 370 2.38 4.40 32.58
N GLU A 371 3.45 4.98 33.09
CA GLU A 371 4.82 4.57 32.71
C GLU A 371 5.04 3.09 33.03
N GLY A 372 5.74 2.38 32.16
CA GLY A 372 6.18 1.02 32.44
C GLY A 372 7.45 1.01 33.31
N GLU A 373 7.85 -0.19 33.71
CA GLU A 373 9.09 -0.44 34.48
C GLU A 373 10.17 -0.98 33.54
N ASN A 374 11.21 -0.20 33.41
CA ASN A 374 12.38 -0.55 32.57
C ASN A 374 13.23 -1.64 33.23
N GLU A 375 13.56 -2.69 32.48
CA GLU A 375 14.61 -3.66 32.88
C GLU A 375 15.56 -3.82 31.71
N GLU A 376 16.72 -4.42 31.94
CA GLU A 376 17.72 -4.80 30.93
C GLU A 376 17.40 -6.23 30.44
N GLY A 377 17.30 -6.45 29.12
CA GLY A 377 17.26 -7.79 28.50
C GLY A 377 18.65 -8.44 28.50
N SER A 378 18.70 -9.77 28.34
CA SER A 378 19.91 -10.61 28.51
C SER A 378 20.91 -10.38 27.37
N GLU A 379 20.47 -9.84 26.23
CA GLU A 379 21.32 -9.64 25.02
C GLU A 379 21.48 -8.13 24.75
N GLY A 380 21.31 -7.27 25.77
CA GLY A 380 21.52 -5.80 25.69
C GLY A 380 20.24 -4.95 25.73
N GLU A 381 19.06 -5.52 25.44
CA GLU A 381 17.82 -4.78 25.06
C GLU A 381 17.23 -3.97 26.22
N LEU A 382 16.45 -2.94 25.91
CA LEU A 382 15.53 -2.37 26.93
C LEU A 382 14.22 -3.15 26.90
N VAL A 383 13.76 -3.62 28.06
CA VAL A 383 12.45 -4.29 28.21
C VAL A 383 11.64 -3.35 29.07
N VAL A 384 10.50 -2.91 28.57
CA VAL A 384 9.59 -2.05 29.35
C VAL A 384 8.43 -2.93 29.78
N LYS A 385 8.27 -3.12 31.10
CA LYS A 385 7.23 -4.04 31.65
C LYS A 385 6.03 -3.19 32.05
N PHE A 386 4.83 -3.61 31.68
CA PHE A 386 3.61 -2.89 32.06
C PHE A 386 2.78 -3.66 33.11
N GLY A 387 3.10 -4.91 33.28
CA GLY A 387 2.45 -5.79 34.27
C GLY A 387 0.97 -5.94 33.96
N GLU A 388 0.15 -5.72 34.98
CA GLU A 388 -1.32 -5.75 34.93
C GLU A 388 -1.77 -4.32 35.21
N THR A 389 -0.87 -3.35 34.95
CA THR A 389 -1.05 -1.91 35.29
C THR A 389 -1.85 -1.23 34.18
N LEU A 390 -1.97 -1.82 32.99
CA LEU A 390 -2.51 -1.09 31.79
C LEU A 390 -3.99 -0.79 31.97
N PRO A 391 -4.47 0.40 31.49
CA PRO A 391 -5.86 0.81 31.65
C PRO A 391 -6.81 -0.17 30.94
N LYS A 392 -7.90 -0.56 31.58
CA LYS A 392 -8.96 -1.36 30.92
C LYS A 392 -9.62 -0.48 29.85
N LEU A 393 -9.65 -0.91 28.58
CA LEU A 393 -10.15 -0.07 27.47
C LEU A 393 -11.64 -0.32 27.34
N LYS A 394 -12.37 0.76 27.14
CA LYS A 394 -13.86 0.73 27.15
C LYS A 394 -14.34 1.03 25.75
N PRO A 395 -14.65 -0.02 24.95
CA PRO A 395 -15.12 0.20 23.60
C PRO A 395 -16.53 0.78 23.61
N ILE A 396 -16.84 1.50 22.53
CA ILE A 396 -18.10 2.26 22.32
C ILE A 396 -19.24 1.30 22.01
N ILE A 397 -18.89 0.14 21.50
CA ILE A 397 -19.88 -0.89 21.11
C ILE A 397 -19.33 -2.24 21.58
N SER A 398 -20.15 -3.07 22.22
CA SER A 398 -19.73 -4.36 22.85
C SER A 398 -20.10 -5.54 21.96
N ASP A 399 -20.94 -5.33 20.95
CA ASP A 399 -21.44 -6.39 20.07
C ASP A 399 -20.21 -7.08 19.48
N PRO A 400 -20.08 -8.41 19.63
CA PRO A 400 -18.90 -9.13 19.14
C PRO A 400 -18.77 -9.05 17.63
N GLU A 401 -19.88 -8.93 16.91
CA GLU A 401 -19.80 -8.81 15.42
C GLU A 401 -19.10 -7.52 15.03
N TYR A 402 -19.13 -6.55 15.90
CA TYR A 402 -18.38 -5.28 15.68
C TYR A 402 -16.99 -5.46 16.28
N LEU A 403 -16.91 -5.84 17.54
CA LEU A 403 -15.65 -5.63 18.30
C LEU A 403 -14.55 -6.56 17.76
N LEU A 404 -14.90 -7.79 17.39
CA LEU A 404 -13.91 -8.78 16.96
C LEU A 404 -13.28 -8.34 15.63
N ASP A 405 -13.91 -7.43 14.92
CA ASP A 405 -13.35 -6.88 13.65
C ASP A 405 -12.48 -5.64 13.87
N GLN A 406 -12.23 -5.23 15.10
CA GLN A 406 -11.50 -3.98 15.35
C GLN A 406 -10.03 -4.27 15.60
N HIS A 407 -9.27 -3.19 15.69
CA HIS A 407 -7.81 -3.23 15.88
C HIS A 407 -7.44 -2.14 16.86
N ILE A 408 -6.41 -2.43 17.66
CA ILE A 408 -5.83 -1.44 18.59
C ILE A 408 -4.45 -1.10 18.07
N LEU A 409 -4.25 0.17 17.74
CA LEU A 409 -2.90 0.68 17.47
C LEU A 409 -2.24 1.00 18.80
N ILE A 410 -0.98 0.68 18.90
CA ILE A 410 -0.15 0.91 20.11
C ILE A 410 1.04 1.76 19.72
N SER A 411 1.25 2.85 20.43
CA SER A 411 2.49 3.62 20.39
C SER A 411 3.14 3.54 21.75
N ILE A 412 4.44 3.32 21.77
CA ILE A 412 5.22 3.46 23.02
C ILE A 412 6.00 4.76 22.92
N LYS A 413 5.76 5.65 23.88
CA LYS A 413 6.26 7.04 23.82
C LYS A 413 7.19 7.29 25.01
N SER A 414 8.19 8.09 24.76
CA SER A 414 9.10 8.57 25.82
C SER A 414 8.35 9.56 26.74
N SER A 415 8.46 9.38 28.04
CA SER A 415 7.91 10.37 29.02
C SER A 415 8.62 11.72 28.87
N ASP A 416 9.90 11.70 28.49
CA ASP A 416 10.77 12.91 28.46
C ASP A 416 10.39 13.78 27.26
N SER A 417 10.09 13.17 26.12
CA SER A 417 9.96 13.93 24.85
C SER A 417 8.56 13.81 24.25
N ASP A 418 7.79 12.83 24.71
CA ASP A 418 6.46 12.46 24.14
C ASP A 418 6.62 11.98 22.68
N GLU A 419 7.81 11.61 22.24
CA GLU A 419 8.03 11.12 20.87
C GLU A 419 7.74 9.62 20.91
N SER A 420 7.06 9.10 19.88
CA SER A 420 6.90 7.64 19.72
C SER A 420 8.23 7.00 19.36
N TYR A 421 8.53 5.93 20.07
CA TYR A 421 9.68 5.07 19.78
C TYR A 421 9.28 3.84 18.98
N GLY A 422 7.99 3.57 18.90
CA GLY A 422 7.55 2.36 18.21
C GLY A 422 6.03 2.35 18.11
N GLU A 423 5.58 1.84 16.98
CA GLU A 423 4.16 1.77 16.67
C GLU A 423 3.86 0.37 16.18
N GLY A 424 2.70 -0.14 16.55
CA GLY A 424 2.23 -1.43 16.06
C GLY A 424 0.74 -1.57 16.19
N CYS A 425 0.24 -2.76 15.87
CA CYS A 425 -1.22 -2.94 15.76
C CYS A 425 -1.58 -4.33 16.22
N ILE A 426 -2.64 -4.42 17.00
CA ILE A 426 -3.16 -5.69 17.54
C ILE A 426 -4.57 -5.93 17.03
N ALA A 427 -4.81 -7.08 16.41
CA ALA A 427 -6.18 -7.43 16.01
C ALA A 427 -6.99 -7.91 17.22
N LEU A 428 -8.26 -7.56 17.23
CA LEU A 428 -9.22 -8.13 18.22
C LEU A 428 -9.96 -9.35 17.66
N ARG A 429 -9.51 -9.89 16.53
N ARG A 429 -9.55 -9.84 16.49
N ARG A 429 -9.51 -9.89 16.53
CA ARG A 429 -10.12 -11.09 15.88
CA ARG A 429 -10.10 -11.09 15.89
CA ARG A 429 -10.12 -11.09 15.88
C ARG A 429 -9.65 -12.34 16.61
C ARG A 429 -9.49 -12.26 16.67
C ARG A 429 -9.65 -12.34 16.61
N LEU A 430 -10.02 -12.48 17.89
CA LEU A 430 -9.46 -13.50 18.81
C LEU A 430 -10.12 -14.86 18.60
N GLU A 431 -9.41 -15.87 19.01
CA GLU A 431 -9.90 -17.26 19.02
C GLU A 431 -10.99 -17.44 20.07
N ALA A 432 -11.03 -16.60 21.07
CA ALA A 432 -11.97 -16.72 22.22
C ALA A 432 -12.17 -15.37 22.85
N THR A 433 -13.30 -15.17 23.54
CA THR A 433 -13.54 -14.00 24.40
C THR A 433 -13.49 -14.47 25.87
N GLU A 434 -13.30 -13.53 26.78
CA GLU A 434 -13.27 -13.81 28.24
C GLU A 434 -12.15 -14.81 28.51
N THR A 435 -11.09 -14.83 27.70
CA THR A 435 -10.01 -15.84 27.73
C THR A 435 -8.69 -15.11 27.54
N GLN A 436 -7.69 -15.37 28.37
CA GLN A 436 -6.36 -14.73 28.23
C GLN A 436 -5.70 -15.34 27.02
N LEU A 437 -5.28 -14.52 26.06
CA LEU A 437 -4.70 -15.05 24.82
C LEU A 437 -3.46 -14.25 24.47
N PRO A 438 -2.45 -14.92 23.88
CA PRO A 438 -1.24 -14.19 23.51
C PRO A 438 -1.57 -13.14 22.43
N ILE A 439 -0.91 -11.99 22.56
CA ILE A 439 -0.88 -10.94 21.50
C ILE A 439 0.57 -10.59 21.23
N TYR A 440 0.77 -10.00 20.05
CA TYR A 440 2.12 -9.68 19.58
C TYR A 440 1.97 -8.68 18.45
N THR A 441 2.81 -7.68 18.42
CA THR A 441 3.07 -6.88 17.22
C THR A 441 4.53 -6.50 17.20
N PRO A 442 5.14 -6.46 16.03
CA PRO A 442 6.39 -5.74 15.91
C PRO A 442 6.10 -4.25 16.08
N LEU A 443 7.12 -3.53 16.49
CA LEU A 443 7.04 -2.07 16.66
C LEU A 443 7.98 -1.46 15.63
N THR A 444 7.48 -0.43 14.94
CA THR A 444 8.30 0.31 13.97
C THR A 444 8.26 1.79 14.31
N HIS A 445 9.21 2.50 13.79
CA HIS A 445 9.16 3.98 13.81
C HIS A 445 9.81 4.43 12.52
N HIS A 446 9.15 5.35 11.84
CA HIS A 446 9.53 5.75 10.48
C HIS A 446 9.65 4.50 9.61
N GLY A 447 8.81 3.51 9.89
CA GLY A 447 8.70 2.28 9.09
C GLY A 447 9.85 1.32 9.27
N GLU A 448 10.79 1.60 10.19
CA GLU A 448 11.89 0.68 10.51
C GLU A 448 11.61 -0.01 11.84
N LEU A 449 12.09 -1.24 11.94
CA LEU A 449 11.88 -2.03 13.18
C LEU A 449 12.60 -1.40 14.36
N THR A 450 11.86 -1.17 15.43
CA THR A 450 12.42 -0.56 16.66
C THR A 450 12.20 -1.45 17.87
N GLY A 451 11.43 -2.52 17.73
CA GLY A 451 11.16 -3.36 18.90
C GLY A 451 9.94 -4.21 18.68
N HIS A 452 9.41 -4.67 19.78
CA HIS A 452 8.28 -5.60 19.79
C HIS A 452 7.40 -5.31 20.98
N PHE A 453 6.14 -5.68 20.86
CA PHE A 453 5.19 -5.57 21.99
C PHE A 453 4.51 -6.92 22.09
N GLN A 454 4.50 -7.49 23.29
CA GLN A 454 3.85 -8.83 23.43
C GLN A 454 3.25 -8.94 24.81
N GLY A 455 2.28 -9.83 24.93
CA GLY A 455 1.65 -9.99 26.24
C GLY A 455 0.42 -10.80 26.03
N GLU A 456 -0.58 -10.54 26.84
CA GLU A 456 -1.85 -11.25 26.73
C GLU A 456 -2.99 -10.25 26.69
N ILE A 457 -4.08 -10.69 26.06
CA ILE A 457 -5.30 -9.87 25.96
C ILE A 457 -6.43 -10.72 26.56
N LYS A 458 -7.43 -10.01 27.06
CA LYS A 458 -8.71 -10.61 27.51
C LYS A 458 -9.79 -9.65 27.02
N LEU A 459 -10.61 -10.17 26.11
CA LEU A 459 -11.66 -9.37 25.45
C LEU A 459 -13.02 -9.81 25.95
N GLN A 460 -13.78 -8.85 26.48
N GLN A 460 -13.79 -8.87 26.49
N GLN A 460 -13.78 -8.85 26.48
CA GLN A 460 -15.20 -9.02 26.91
CA GLN A 460 -15.20 -9.12 26.89
CA GLN A 460 -15.20 -9.02 26.91
C GLN A 460 -16.10 -8.39 25.84
C GLN A 460 -16.12 -8.42 25.88
C GLN A 460 -16.10 -8.39 25.84
N THR A 461 -17.01 -9.18 25.25
CA THR A 461 -18.04 -8.68 24.33
C THR A 461 -19.38 -8.93 25.02
N SER A 462 -20.45 -8.42 24.45
CA SER A 462 -21.83 -8.66 24.98
C SER A 462 -22.21 -10.14 24.85
N GLN A 463 -21.43 -10.96 24.15
CA GLN A 463 -21.69 -12.42 24.13
C GLN A 463 -20.66 -13.19 24.97
C13 WKP B . 6.36 -12.51 2.90
C15 WKP B . 7.17 -11.69 5.11
C01 WKP B . 12.67 -14.12 -1.84
C03 WKP B . 12.04 -12.21 -0.55
C04 WKP B . 11.63 -12.95 0.57
C05 WKP B . 10.84 -12.37 1.55
C06 WKP B . 10.44 -11.04 1.42
C07 WKP B . 10.86 -10.31 0.32
C08 WKP B . 11.64 -10.89 -0.67
C09 WKP B . 9.58 -10.34 2.47
C11 WKP B . 8.26 -10.87 3.05
C12 WKP B . 7.57 -11.87 2.19
C16 WKP B . 8.49 -11.48 4.36
N14 WKP B . 6.02 -11.85 4.19
O02 WKP B . 12.84 -12.76 -1.55
O10 WKP B . 9.95 -9.29 2.85
C13 WKP C . -16.01 15.21 -1.93
C15 WKP C . -17.85 14.94 -0.27
C01 WKP C . -18.84 6.80 -5.67
C03 WKP C . -17.79 8.72 -4.74
C04 WKP C . -17.58 10.03 -5.20
C05 WKP C . -17.63 11.09 -4.31
C06 WKP C . -17.89 10.86 -2.96
C07 WKP C . -18.09 9.56 -2.52
C08 WKP C . -18.02 8.49 -3.40
C09 WKP C . -17.98 11.99 -1.94
C11 WKP C . -17.74 13.46 -2.32
C12 WKP C . -16.30 13.74 -2.12
C16 WKP C . -18.58 14.37 -1.48
N14 WKP C . -16.62 15.69 -0.66
O02 WKP C . -17.73 7.65 -5.63
O10 WKP C . -18.27 11.71 -0.82
C13 WKP D . -1.61 20.48 -7.95
C15 WKP D . -0.75 19.67 -5.75
C01 WKP D . 6.16 24.00 -4.02
C03 WKP D . 5.40 22.65 -5.86
C04 WKP D . 4.06 22.91 -5.56
C05 WKP D . 3.05 22.25 -6.24
C06 WKP D . 3.34 21.33 -7.23
C07 WKP D . 4.67 21.08 -7.54
C08 WKP D . 5.69 21.73 -6.86
C09 WKP D . 2.22 20.60 -7.99
C11 WKP D . 0.78 20.70 -7.45
C12 WKP D . -0.20 20.40 -8.52
C16 WKP D . 0.67 19.77 -6.29
N14 WKP D . -1.80 19.57 -6.79
O02 WKP D . 6.45 23.30 -5.20
O10 WKP D . 2.46 19.97 -8.96
S DMS E . -12.00 -2.21 9.77
O DMS E . -12.99 -2.55 8.71
C1 DMS E . -11.29 -3.75 10.22
C2 DMS E . -12.92 -2.00 11.28
S DMS F . -8.32 1.77 13.75
O DMS F . -9.33 1.61 14.86
C1 DMS F . -7.82 3.49 13.80
C2 DMS F . -6.86 1.13 14.39
S DMS G . 2.45 -4.53 12.61
O DMS G . 1.78 -3.23 12.31
C1 DMS G . 2.99 -5.22 11.07
C2 DMS G . 1.16 -5.65 13.00
#